data_2FDJ
#
_entry.id   2FDJ
#
_cell.length_a   36.769
_cell.length_b   38.705
_cell.length_c   40.261
_cell.angle_alpha   75.65
_cell.angle_beta   74.65
_cell.angle_gamma   66.23
#
_symmetry.space_group_name_H-M   'P 1'
#
loop_
_entity.id
_entity.type
_entity.pdbx_description
1 polymer 'Alkylated DNA repair protein alkB'
2 non-polymer 'FE (II) ION'
3 non-polymer 'SUCCINIC ACID'
4 water water
#
_entity_poly.entity_id   1
_entity_poly.type   'polypeptide(L)'
_entity_poly.pdbx_seq_one_letter_code
;MQEPLAAGAVILRRFAFNAAEQLIRDINDVASQSPFRQMVTPGGYTMSVAMTNCGHLGWTTHRQGYLYSPIDPQTNKPWP
AMPQSFHNLCQRAATAAGYPDFQPDACLINRYAPGAKLSLHQDKDEPDLRAPIVSVSLGLPAIFQFGGLKRNDPLKRLLL
EHGDVVVWGGESRLFYHGIQPLKAGFHPLTIDCRYNLTFRQAGKKENLYFQ
;
_entity_poly.pdbx_strand_id   A
#
loop_
_chem_comp.id
_chem_comp.type
_chem_comp.name
_chem_comp.formula
FE2 non-polymer 'FE (II) ION' 'Fe 2'
SIN non-polymer 'SUCCINIC ACID' 'C4 H6 O4'
#
# COMPACT_ATOMS: atom_id res chain seq x y z
N GLU A 3 -20.08 -13.35 -9.96
CA GLU A 3 -18.61 -13.58 -10.16
C GLU A 3 -17.83 -12.27 -10.10
N PRO A 4 -16.71 -12.26 -9.36
CA PRO A 4 -15.82 -11.10 -9.18
C PRO A 4 -14.89 -10.79 -10.34
N LEU A 5 -14.29 -9.60 -10.30
CA LEU A 5 -13.32 -9.15 -11.31
C LEU A 5 -11.98 -9.82 -11.00
N ALA A 6 -11.71 -9.93 -9.70
CA ALA A 6 -10.47 -10.55 -9.21
C ALA A 6 -10.83 -11.51 -8.07
N ALA A 7 -10.64 -12.80 -8.31
CA ALA A 7 -10.95 -13.84 -7.33
C ALA A 7 -10.31 -13.54 -5.98
N GLY A 8 -11.15 -13.40 -4.95
CA GLY A 8 -10.65 -13.13 -3.62
C GLY A 8 -10.50 -11.67 -3.23
N ALA A 9 -10.61 -10.77 -4.21
CA ALA A 9 -10.49 -9.34 -3.92
C ALA A 9 -11.85 -8.77 -3.55
N VAL A 10 -11.84 -7.81 -2.64
CA VAL A 10 -13.07 -7.15 -2.21
C VAL A 10 -12.91 -5.66 -2.43
N ILE A 11 -13.61 -5.14 -3.42
CA ILE A 11 -13.55 -3.72 -3.74
C ILE A 11 -14.60 -2.96 -2.96
N LEU A 12 -14.14 -2.02 -2.15
CA LEU A 12 -15.01 -1.20 -1.32
C LEU A 12 -14.83 0.25 -1.73
N ARG A 13 -15.54 0.66 -2.78
CA ARG A 13 -15.45 2.02 -3.28
C ARG A 13 -15.93 3.07 -2.30
N ARG A 14 -15.14 4.14 -2.18
CA ARG A 14 -15.45 5.26 -1.29
C ARG A 14 -15.50 4.89 0.19
N PHE A 15 -15.09 3.67 0.52
CA PHE A 15 -15.09 3.19 1.91
C PHE A 15 -14.36 4.12 2.87
N ALA A 16 -13.25 4.70 2.41
CA ALA A 16 -12.46 5.61 3.23
C ALA A 16 -12.64 7.09 2.88
N PHE A 17 -13.70 7.41 2.13
CA PHE A 17 -13.96 8.79 1.73
C PHE A 17 -14.13 9.74 2.92
N ASN A 18 -14.88 9.30 3.93
CA ASN A 18 -15.12 10.12 5.10
C ASN A 18 -13.90 10.23 6.02
N ALA A 19 -13.12 9.16 6.10
CA ALA A 19 -11.92 9.14 6.94
C ALA A 19 -10.70 9.78 6.24
N ALA A 20 -10.84 10.08 4.95
CA ALA A 20 -9.77 10.65 4.14
C ALA A 20 -8.96 11.82 4.71
N GLU A 21 -9.63 12.86 5.17
CA GLU A 21 -8.94 14.02 5.70
C GLU A 21 -8.04 13.69 6.89
N GLN A 22 -8.56 12.90 7.82
CA GLN A 22 -7.77 12.50 8.97
C GLN A 22 -6.59 11.62 8.54
N LEU A 23 -6.86 10.69 7.62
CA LEU A 23 -5.80 9.80 7.11
C LEU A 23 -4.65 10.60 6.52
N ILE A 24 -4.97 11.67 5.81
CA ILE A 24 -3.95 12.51 5.18
C ILE A 24 -3.16 13.26 6.25
N ARG A 25 -3.84 13.79 7.26
CA ARG A 25 -3.17 14.50 8.35
C ARG A 25 -2.14 13.55 8.96
N ASP A 26 -2.50 12.27 9.07
CA ASP A 26 -1.61 11.26 9.64
C ASP A 26 -0.47 10.88 8.72
N ILE A 27 -0.71 10.91 7.40
CA ILE A 27 0.35 10.62 6.43
C ILE A 27 1.42 11.70 6.62
N ASN A 28 0.96 12.95 6.73
CA ASN A 28 1.86 14.09 6.91
C ASN A 28 2.63 13.99 8.22
N ASP A 29 1.96 13.50 9.25
CA ASP A 29 2.59 13.34 10.56
C ASP A 29 3.67 12.26 10.49
N VAL A 30 3.34 11.15 9.82
CA VAL A 30 4.28 10.04 9.65
C VAL A 30 5.48 10.51 8.84
N ALA A 31 5.21 11.28 7.78
CA ALA A 31 6.26 11.79 6.90
C ALA A 31 7.20 12.78 7.58
N SER A 32 6.73 13.45 8.62
CA SER A 32 7.55 14.43 9.34
C SER A 32 8.62 13.73 10.17
N GLN A 33 8.46 12.43 10.37
CA GLN A 33 9.41 11.63 11.13
C GLN A 33 10.22 10.75 10.16
N SER A 34 9.51 10.02 9.30
CA SER A 34 10.15 9.17 8.30
C SER A 34 9.73 9.77 6.96
N PRO A 35 10.57 10.66 6.39
CA PRO A 35 10.28 11.33 5.12
C PRO A 35 10.05 10.39 3.95
N PHE A 36 9.29 10.87 2.98
CA PHE A 36 9.04 10.11 1.77
C PHE A 36 10.38 10.11 1.06
N ARG A 37 10.74 8.98 0.48
CA ARG A 37 11.99 8.89 -0.26
C ARG A 37 11.79 7.95 -1.45
N GLN A 38 12.46 8.25 -2.55
CA GLN A 38 12.36 7.41 -3.73
C GLN A 38 13.47 6.37 -3.60
N MET A 39 13.07 5.12 -3.36
CA MET A 39 14.00 4.02 -3.19
C MET A 39 14.58 3.57 -4.52
N VAL A 40 15.71 2.86 -4.45
CA VAL A 40 16.37 2.35 -5.64
C VAL A 40 15.91 0.94 -6.01
N THR A 41 15.67 0.73 -7.31
CA THR A 41 15.23 -0.56 -7.86
C THR A 41 16.41 -1.52 -8.08
N PRO A 42 16.14 -2.81 -8.36
CA PRO A 42 17.17 -3.82 -8.58
C PRO A 42 18.16 -3.43 -9.67
N GLY A 43 17.66 -2.77 -10.71
CA GLY A 43 18.49 -2.34 -11.81
C GLY A 43 19.25 -1.04 -11.55
N GLY A 44 19.11 -0.51 -10.34
CA GLY A 44 19.80 0.72 -9.99
C GLY A 44 19.06 2.01 -10.32
N TYR A 45 17.79 1.88 -10.70
CA TYR A 45 16.98 3.05 -11.04
C TYR A 45 16.25 3.59 -9.82
N THR A 46 15.98 4.90 -9.83
CA THR A 46 15.25 5.51 -8.73
C THR A 46 13.76 5.44 -9.08
N MET A 47 12.98 4.85 -8.17
CA MET A 47 11.54 4.73 -8.38
C MET A 47 10.91 6.11 -8.51
N SER A 48 9.94 6.23 -9.42
CA SER A 48 9.25 7.50 -9.60
C SER A 48 8.29 7.70 -8.41
N VAL A 49 7.85 6.60 -7.81
CA VAL A 49 6.96 6.67 -6.65
C VAL A 49 7.80 6.90 -5.39
N ALA A 50 7.34 7.79 -4.52
CA ALA A 50 8.03 8.08 -3.26
C ALA A 50 7.34 7.28 -2.18
N MET A 51 8.10 6.81 -1.20
CA MET A 51 7.53 5.97 -0.13
C MET A 51 8.03 6.23 1.28
N THR A 52 7.31 5.65 2.22
CA THR A 52 7.63 5.67 3.64
C THR A 52 6.75 4.63 4.30
N ASN A 53 6.98 4.37 5.59
CA ASN A 53 6.21 3.36 6.30
C ASN A 53 5.88 3.82 7.71
N CYS A 54 4.90 3.14 8.31
CA CYS A 54 4.50 3.37 9.67
C CYS A 54 4.07 2.00 10.18
N GLY A 55 4.18 1.80 11.49
CA GLY A 55 3.85 0.51 12.07
C GLY A 55 5.16 -0.09 12.55
N HIS A 56 5.10 -1.27 13.16
CA HIS A 56 6.31 -1.90 13.66
C HIS A 56 7.31 -2.21 12.55
N LEU A 57 6.82 -2.71 11.42
CA LEU A 57 7.70 -3.04 10.31
C LEU A 57 7.44 -2.16 9.10
N GLY A 58 8.49 -1.96 8.31
CA GLY A 58 8.37 -1.13 7.11
C GLY A 58 9.12 -1.75 5.95
N TRP A 59 8.54 -1.65 4.75
CA TRP A 59 9.16 -2.20 3.56
C TRP A 59 10.25 -1.22 3.08
N THR A 60 11.43 -1.76 2.77
CA THR A 60 12.53 -0.93 2.32
C THR A 60 13.61 -1.74 1.60
N THR A 61 14.59 -1.04 1.04
CA THR A 61 15.71 -1.67 0.34
C THR A 61 16.80 -1.96 1.37
N HIS A 62 17.62 -2.97 1.11
CA HIS A 62 18.71 -3.34 2.01
C HIS A 62 19.69 -4.25 1.27
N ARG A 63 20.87 -3.70 0.99
CA ARG A 63 21.95 -4.39 0.28
C ARG A 63 21.52 -5.33 -0.85
N GLN A 64 21.17 -4.74 -2.00
CA GLN A 64 20.75 -5.46 -3.21
C GLN A 64 19.49 -6.31 -3.01
N GLY A 65 18.92 -6.25 -1.80
CA GLY A 65 17.72 -7.00 -1.49
C GLY A 65 16.64 -6.08 -0.95
N TYR A 66 15.44 -6.63 -0.78
CA TYR A 66 14.31 -5.87 -0.26
C TYR A 66 13.69 -6.64 0.88
N LEU A 67 13.39 -5.93 1.98
CA LEU A 67 12.80 -6.57 3.14
C LEU A 67 12.05 -5.65 4.08
N TYR A 68 11.46 -6.24 5.10
CA TYR A 68 10.74 -5.51 6.12
C TYR A 68 11.70 -5.29 7.29
N SER A 69 11.88 -4.03 7.67
CA SER A 69 12.78 -3.70 8.76
C SER A 69 12.10 -2.91 9.86
N PRO A 70 12.50 -3.15 11.12
CA PRO A 70 11.89 -2.43 12.24
C PRO A 70 12.51 -1.03 12.35
N ILE A 71 13.58 -0.79 11.57
CA ILE A 71 14.27 0.50 11.56
C ILE A 71 14.27 1.17 10.17
N ASP A 72 14.08 2.49 10.16
CA ASP A 72 14.09 3.29 8.93
C ASP A 72 15.57 3.59 8.63
N PRO A 73 16.09 3.11 7.50
CA PRO A 73 17.49 3.35 7.15
C PRO A 73 17.85 4.83 6.95
N GLN A 74 16.85 5.66 6.71
CA GLN A 74 17.08 7.08 6.51
C GLN A 74 17.19 7.87 7.82
N THR A 75 16.61 7.34 8.90
CA THR A 75 16.65 8.03 10.19
C THR A 75 17.38 7.23 11.27
N ASN A 76 17.55 5.93 11.03
CA ASN A 76 18.17 5.02 11.99
C ASN A 76 17.32 4.90 13.25
N LYS A 77 16.04 5.22 13.11
CA LYS A 77 15.06 5.15 14.20
C LYS A 77 13.89 4.29 13.74
N PRO A 78 13.05 3.83 14.68
CA PRO A 78 11.91 3.00 14.27
C PRO A 78 10.98 3.80 13.37
N TRP A 79 10.19 3.12 12.55
CA TRP A 79 9.22 3.82 11.70
C TRP A 79 8.18 4.36 12.67
N PRO A 80 7.45 5.42 12.29
CA PRO A 80 6.44 5.93 13.22
C PRO A 80 5.42 4.85 13.54
N ALA A 81 4.79 4.95 14.70
CA ALA A 81 3.78 3.98 15.09
C ALA A 81 2.58 4.08 14.16
N MET A 82 1.82 2.99 14.06
CA MET A 82 0.63 2.94 13.22
C MET A 82 -0.40 3.91 13.78
N PRO A 83 -0.80 4.94 13.00
CA PRO A 83 -1.80 5.92 13.47
C PRO A 83 -3.14 5.25 13.74
N GLN A 84 -3.90 5.77 14.70
CA GLN A 84 -5.21 5.21 15.03
C GLN A 84 -6.13 5.17 13.82
N SER A 85 -6.16 6.26 13.04
CA SER A 85 -7.02 6.33 11.85
C SER A 85 -6.71 5.17 10.92
N PHE A 86 -5.42 4.91 10.71
CA PHE A 86 -4.96 3.81 9.85
C PHE A 86 -5.46 2.47 10.39
N HIS A 87 -5.13 2.20 11.65
CA HIS A 87 -5.52 0.94 12.31
C HIS A 87 -7.02 0.70 12.24
N ASN A 88 -7.80 1.73 12.57
CA ASN A 88 -9.26 1.65 12.56
C ASN A 88 -9.83 1.36 11.16
N LEU A 89 -9.44 2.17 10.18
CA LEU A 89 -9.93 1.98 8.81
C LEU A 89 -9.61 0.58 8.30
N CYS A 90 -8.35 0.16 8.46
CA CYS A 90 -7.94 -1.17 8.02
C CYS A 90 -8.79 -2.28 8.65
N GLN A 91 -8.98 -2.21 9.96
CA GLN A 91 -9.78 -3.21 10.68
C GLN A 91 -11.22 -3.28 10.16
N ARG A 92 -11.84 -2.13 9.94
CA ARG A 92 -13.21 -2.09 9.43
C ARG A 92 -13.29 -2.71 8.04
N ALA A 93 -12.31 -2.39 7.20
CA ALA A 93 -12.27 -2.92 5.83
C ALA A 93 -12.03 -4.42 5.86
N ALA A 94 -11.00 -4.84 6.61
CA ALA A 94 -10.64 -6.25 6.72
C ALA A 94 -11.80 -7.09 7.25
N THR A 95 -12.49 -6.56 8.25
CA THR A 95 -13.61 -7.24 8.86
C THR A 95 -14.78 -7.37 7.89
N ALA A 96 -15.12 -6.27 7.22
CA ALA A 96 -16.21 -6.29 6.24
C ALA A 96 -15.91 -7.29 5.13
N ALA A 97 -14.64 -7.42 4.78
CA ALA A 97 -14.20 -8.34 3.74
C ALA A 97 -14.08 -9.81 4.17
N GLY A 98 -14.34 -10.07 5.45
CA GLY A 98 -14.26 -11.44 5.95
C GLY A 98 -12.91 -11.85 6.50
N TYR A 99 -12.13 -10.89 6.98
CA TYR A 99 -10.82 -11.16 7.55
C TYR A 99 -10.75 -10.42 8.88
N PRO A 100 -11.53 -10.87 9.88
CA PRO A 100 -11.57 -10.24 11.20
C PRO A 100 -10.31 -10.35 12.05
N ASP A 101 -9.47 -11.34 11.74
CA ASP A 101 -8.23 -11.54 12.50
C ASP A 101 -7.00 -10.85 11.90
N PHE A 102 -7.17 -10.18 10.76
CA PHE A 102 -6.06 -9.48 10.12
C PHE A 102 -5.53 -8.40 11.04
N GLN A 103 -4.26 -8.52 11.42
CA GLN A 103 -3.62 -7.54 12.30
C GLN A 103 -2.31 -7.10 11.66
N PRO A 104 -2.37 -6.06 10.79
CA PRO A 104 -1.16 -5.56 10.12
C PRO A 104 -0.19 -4.90 11.07
N ASP A 105 1.10 -5.08 10.80
CA ASP A 105 2.15 -4.47 11.62
C ASP A 105 3.03 -3.62 10.72
N ALA A 106 2.55 -3.38 9.50
CA ALA A 106 3.28 -2.60 8.51
C ALA A 106 2.32 -1.95 7.54
N CYS A 107 2.60 -0.70 7.20
CA CYS A 107 1.80 0.04 6.23
C CYS A 107 2.75 0.81 5.35
N LEU A 108 2.83 0.41 4.09
CA LEU A 108 3.68 1.06 3.11
C LEU A 108 2.87 2.23 2.56
N ILE A 109 3.43 3.43 2.66
CA ILE A 109 2.75 4.62 2.16
C ILE A 109 3.41 5.09 0.86
N ASN A 110 2.65 5.05 -0.23
CA ASN A 110 3.13 5.46 -1.53
C ASN A 110 2.58 6.82 -1.96
N ARG A 111 3.45 7.67 -2.49
CA ARG A 111 3.03 8.98 -2.97
C ARG A 111 3.34 9.03 -4.47
N TYR A 112 2.32 9.34 -5.27
CA TYR A 112 2.47 9.42 -6.72
C TYR A 112 2.30 10.84 -7.23
N ALA A 113 3.37 11.42 -7.77
CA ALA A 113 3.30 12.76 -8.36
C ALA A 113 2.93 12.49 -9.82
N PRO A 114 2.54 13.53 -10.59
CA PRO A 114 2.17 13.31 -11.99
C PRO A 114 3.25 12.52 -12.75
N GLY A 115 2.82 11.51 -13.49
CA GLY A 115 3.77 10.68 -14.24
C GLY A 115 4.37 9.52 -13.46
N ALA A 116 4.21 9.50 -12.14
CA ALA A 116 4.73 8.41 -11.33
C ALA A 116 4.01 7.11 -11.65
N LYS A 117 4.74 6.01 -11.61
CA LYS A 117 4.18 4.70 -11.92
C LYS A 117 4.90 3.64 -11.09
N LEU A 118 4.30 2.46 -11.00
CA LEU A 118 4.87 1.36 -10.24
C LEU A 118 4.90 0.18 -11.19
N SER A 119 6.09 -0.36 -11.46
CA SER A 119 6.20 -1.49 -12.38
C SER A 119 5.58 -2.76 -11.77
N LEU A 120 5.22 -3.69 -12.64
CA LEU A 120 4.61 -4.96 -12.25
C LEU A 120 5.43 -5.70 -11.20
N HIS A 121 4.73 -6.19 -10.18
CA HIS A 121 5.37 -6.92 -9.09
C HIS A 121 4.32 -7.67 -8.28
N GLN A 122 4.81 -8.58 -7.44
CA GLN A 122 3.95 -9.36 -6.56
C GLN A 122 4.38 -9.05 -5.14
N ASP A 123 3.44 -9.11 -4.20
CA ASP A 123 3.72 -8.89 -2.79
C ASP A 123 3.97 -10.29 -2.25
N LYS A 124 5.22 -10.71 -2.21
CA LYS A 124 5.57 -12.05 -1.74
C LYS A 124 6.56 -12.07 -0.57
N ASP A 125 6.91 -10.89 -0.06
CA ASP A 125 7.87 -10.79 1.04
C ASP A 125 7.26 -11.07 2.41
N GLU A 126 5.95 -11.33 2.45
CA GLU A 126 5.23 -11.60 3.70
C GLU A 126 5.28 -13.08 4.06
N PRO A 127 5.48 -13.40 5.36
CA PRO A 127 5.56 -14.75 5.92
C PRO A 127 4.36 -15.65 5.65
N ASP A 128 3.15 -15.10 5.72
CA ASP A 128 1.94 -15.88 5.49
C ASP A 128 1.10 -15.20 4.41
N LEU A 129 1.10 -15.78 3.22
CA LEU A 129 0.35 -15.23 2.09
C LEU A 129 -1.17 -15.45 2.15
N ARG A 130 -1.65 -16.08 3.21
CA ARG A 130 -3.09 -16.29 3.39
C ARG A 130 -3.69 -15.02 3.97
N ALA A 131 -2.82 -14.18 4.55
CA ALA A 131 -3.23 -12.91 5.12
C ALA A 131 -3.32 -11.93 3.95
N PRO A 132 -4.44 -11.20 3.85
CA PRO A 132 -4.65 -10.23 2.77
C PRO A 132 -3.86 -8.93 2.91
N ILE A 133 -3.97 -8.10 1.89
CA ILE A 133 -3.32 -6.80 1.88
C ILE A 133 -4.46 -5.82 1.62
N VAL A 134 -4.60 -4.85 2.50
CA VAL A 134 -5.65 -3.84 2.37
C VAL A 134 -5.06 -2.59 1.75
N SER A 135 -5.62 -2.19 0.61
CA SER A 135 -5.19 -1.01 -0.14
C SER A 135 -6.15 0.15 0.00
N VAL A 136 -5.63 1.33 0.30
CA VAL A 136 -6.43 2.54 0.47
C VAL A 136 -5.90 3.66 -0.42
N SER A 137 -6.74 4.14 -1.35
CA SER A 137 -6.34 5.20 -2.27
C SER A 137 -6.87 6.55 -1.85
N LEU A 138 -6.05 7.59 -2.06
CA LEU A 138 -6.42 8.96 -1.69
C LEU A 138 -5.90 9.95 -2.73
N GLY A 139 -6.69 10.98 -3.00
CA GLY A 139 -6.28 12.01 -3.94
C GLY A 139 -6.57 11.71 -5.40
N LEU A 140 -5.63 12.05 -6.26
CA LEU A 140 -5.77 11.84 -7.70
C LEU A 140 -6.02 10.39 -8.06
N PRO A 141 -6.92 10.15 -9.05
CA PRO A 141 -7.24 8.78 -9.48
C PRO A 141 -6.11 8.12 -10.24
N ALA A 142 -6.00 6.80 -10.12
CA ALA A 142 -4.95 6.06 -10.79
C ALA A 142 -5.51 4.79 -11.39
N ILE A 143 -4.89 4.34 -12.48
CA ILE A 143 -5.29 3.12 -13.15
C ILE A 143 -4.43 1.98 -12.62
N PHE A 144 -5.06 1.10 -11.86
CA PHE A 144 -4.40 -0.06 -11.27
C PHE A 144 -4.50 -1.24 -12.24
N GLN A 145 -3.37 -1.88 -12.50
CA GLN A 145 -3.36 -3.02 -13.39
C GLN A 145 -2.92 -4.27 -12.65
N PHE A 146 -3.52 -5.40 -12.99
CA PHE A 146 -3.19 -6.67 -12.36
C PHE A 146 -3.32 -7.84 -13.33
N GLY A 147 -2.41 -8.81 -13.20
CA GLY A 147 -2.42 -9.97 -14.07
C GLY A 147 -2.74 -11.27 -13.36
N GLY A 148 -1.76 -12.17 -13.27
CA GLY A 148 -1.98 -13.45 -12.63
C GLY A 148 -0.86 -13.89 -11.71
N LEU A 149 -0.73 -15.21 -11.54
CA LEU A 149 0.30 -15.80 -10.69
C LEU A 149 1.68 -15.83 -11.35
N LYS A 150 1.71 -15.76 -12.67
CA LYS A 150 2.95 -15.79 -13.43
C LYS A 150 3.12 -14.57 -14.31
N ARG A 151 4.37 -14.30 -14.71
CA ARG A 151 4.68 -13.17 -15.57
C ARG A 151 4.07 -13.35 -16.96
N ASN A 152 3.90 -12.24 -17.66
CA ASN A 152 3.35 -12.23 -19.02
C ASN A 152 1.89 -12.66 -19.15
N ASP A 153 1.18 -12.71 -18.03
CA ASP A 153 -0.23 -13.07 -18.03
C ASP A 153 -1.08 -11.86 -18.44
N PRO A 154 -2.26 -12.12 -19.05
CA PRO A 154 -3.17 -11.05 -19.48
C PRO A 154 -3.53 -10.08 -18.36
N LEU A 155 -3.27 -8.80 -18.59
CA LEU A 155 -3.54 -7.76 -17.60
C LEU A 155 -4.94 -7.17 -17.68
N LYS A 156 -5.48 -6.81 -16.52
CA LYS A 156 -6.79 -6.20 -16.39
C LYS A 156 -6.58 -4.85 -15.68
N ARG A 157 -7.31 -3.82 -16.10
CA ARG A 157 -7.18 -2.51 -15.50
C ARG A 157 -8.38 -2.13 -14.65
N LEU A 158 -8.14 -1.25 -13.68
CA LEU A 158 -9.18 -0.81 -12.76
C LEU A 158 -8.82 0.57 -12.22
N LEU A 159 -9.71 1.53 -12.39
CA LEU A 159 -9.45 2.87 -11.88
C LEU A 159 -9.67 2.91 -10.37
N LEU A 160 -8.68 3.38 -9.64
CA LEU A 160 -8.79 3.50 -8.18
C LEU A 160 -8.91 4.99 -7.88
N GLU A 161 -9.97 5.37 -7.19
CA GLU A 161 -10.23 6.77 -6.85
C GLU A 161 -10.16 7.08 -5.37
N HIS A 162 -10.22 8.36 -5.06
CA HIS A 162 -10.16 8.88 -3.69
C HIS A 162 -11.16 8.19 -2.77
N GLY A 163 -10.62 7.55 -1.72
CA GLY A 163 -11.47 6.86 -0.77
C GLY A 163 -11.67 5.39 -1.05
N ASP A 164 -11.27 4.92 -2.24
CA ASP A 164 -11.44 3.51 -2.58
C ASP A 164 -10.52 2.60 -1.78
N VAL A 165 -11.10 1.51 -1.29
CA VAL A 165 -10.37 0.54 -0.52
C VAL A 165 -10.56 -0.82 -1.16
N VAL A 166 -9.47 -1.56 -1.33
CA VAL A 166 -9.57 -2.91 -1.87
C VAL A 166 -8.83 -3.87 -0.95
N VAL A 167 -9.50 -4.96 -0.59
CA VAL A 167 -8.90 -5.98 0.25
C VAL A 167 -8.50 -7.11 -0.68
N TRP A 168 -7.19 -7.22 -0.93
CA TRP A 168 -6.68 -8.24 -1.82
C TRP A 168 -6.46 -9.55 -1.07
N GLY A 169 -7.47 -10.42 -1.10
CA GLY A 169 -7.39 -11.70 -0.43
C GLY A 169 -7.52 -12.84 -1.41
N GLY A 170 -7.53 -14.07 -0.89
CA GLY A 170 -7.66 -15.24 -1.75
C GLY A 170 -6.61 -15.28 -2.85
N GLU A 171 -7.04 -15.60 -4.07
CA GLU A 171 -6.11 -15.69 -5.19
C GLU A 171 -5.51 -14.35 -5.59
N SER A 172 -6.33 -13.29 -5.54
CA SER A 172 -5.86 -11.95 -5.93
C SER A 172 -4.66 -11.47 -5.13
N ARG A 173 -4.49 -12.02 -3.94
CA ARG A 173 -3.37 -11.67 -3.06
C ARG A 173 -2.02 -11.89 -3.73
N LEU A 174 -1.93 -12.90 -4.59
CA LEU A 174 -0.68 -13.22 -5.28
C LEU A 174 -0.51 -12.65 -6.70
N PHE A 175 -1.51 -11.94 -7.20
CA PHE A 175 -1.43 -11.38 -8.55
C PHE A 175 -0.33 -10.35 -8.76
N TYR A 176 0.25 -10.35 -9.96
CA TYR A 176 1.25 -9.37 -10.34
C TYR A 176 0.42 -8.11 -10.53
N HIS A 177 0.96 -6.97 -10.13
CA HIS A 177 0.21 -5.71 -10.26
C HIS A 177 1.11 -4.48 -10.32
N GLY A 178 0.50 -3.34 -10.67
CA GLY A 178 1.25 -2.10 -10.76
C GLY A 178 0.32 -0.91 -10.95
N ILE A 179 0.91 0.26 -11.18
CA ILE A 179 0.15 1.50 -11.37
C ILE A 179 0.69 2.20 -12.62
N GLN A 180 -0.21 2.54 -13.53
CA GLN A 180 0.16 3.23 -14.76
C GLN A 180 0.48 4.69 -14.45
N PRO A 181 1.32 5.35 -15.27
CA PRO A 181 1.70 6.76 -15.08
C PRO A 181 0.52 7.62 -14.65
N LEU A 182 0.64 8.24 -13.48
CA LEU A 182 -0.40 9.08 -12.92
C LEU A 182 -0.69 10.31 -13.77
N LYS A 183 -1.96 10.58 -14.04
CA LYS A 183 -2.32 11.75 -14.82
C LYS A 183 -2.29 12.97 -13.92
N ALA A 184 -1.91 14.12 -14.48
CA ALA A 184 -1.86 15.36 -13.74
C ALA A 184 -3.30 15.80 -13.46
N GLY A 185 -3.49 16.54 -12.38
CA GLY A 185 -4.82 17.00 -12.03
C GLY A 185 -4.81 17.70 -10.69
N PHE A 186 -5.98 17.84 -10.09
CA PHE A 186 -6.07 18.49 -8.80
C PHE A 186 -7.10 17.83 -7.90
N HIS A 187 -6.75 17.74 -6.63
CA HIS A 187 -7.65 17.18 -5.64
C HIS A 187 -7.56 18.07 -4.43
N PRO A 188 -8.72 18.46 -3.86
CA PRO A 188 -8.81 19.34 -2.69
C PRO A 188 -7.96 18.94 -1.49
N LEU A 189 -7.89 17.64 -1.20
CA LEU A 189 -7.14 17.17 -0.04
C LEU A 189 -5.67 16.82 -0.23
N THR A 190 -5.29 16.45 -1.46
CA THR A 190 -3.90 16.07 -1.73
C THR A 190 -3.17 17.02 -2.67
N ILE A 191 -3.92 18.00 -3.19
CA ILE A 191 -3.39 19.00 -4.11
C ILE A 191 -3.04 18.49 -5.51
N ASP A 192 -1.90 17.82 -5.64
CA ASP A 192 -1.48 17.32 -6.95
C ASP A 192 -0.88 15.91 -6.97
N CYS A 193 -1.25 15.09 -6.00
CA CYS A 193 -0.72 13.74 -5.95
C CYS A 193 -1.74 12.73 -5.46
N ARG A 194 -1.34 11.47 -5.50
CA ARG A 194 -2.18 10.37 -5.01
C ARG A 194 -1.40 9.64 -3.93
N TYR A 195 -2.08 9.28 -2.85
CA TYR A 195 -1.46 8.53 -1.78
C TYR A 195 -2.11 7.16 -1.77
N ASN A 196 -1.31 6.15 -1.47
CA ASN A 196 -1.84 4.80 -1.37
C ASN A 196 -1.23 4.14 -0.16
N LEU A 197 -2.09 3.54 0.66
CA LEU A 197 -1.67 2.83 1.84
C LEU A 197 -1.90 1.34 1.61
N THR A 198 -0.89 0.52 1.91
CA THR A 198 -1.06 -0.93 1.80
C THR A 198 -0.66 -1.58 3.12
N PHE A 199 -1.68 -2.03 3.85
CA PHE A 199 -1.51 -2.67 5.15
C PHE A 199 -1.12 -4.14 4.98
N ARG A 200 -0.07 -4.54 5.69
CA ARG A 200 0.43 -5.90 5.61
C ARG A 200 0.77 -6.48 6.97
N GLN A 201 0.61 -7.80 7.08
CA GLN A 201 0.98 -8.51 8.30
C GLN A 201 2.35 -9.04 7.86
N ALA A 202 3.39 -8.29 8.20
CA ALA A 202 4.75 -8.62 7.80
C ALA A 202 5.53 -9.49 8.78
N GLY A 203 5.15 -9.45 10.06
CA GLY A 203 5.86 -10.23 11.04
C GLY A 203 5.26 -11.62 11.21
N LYS A 204 6.08 -12.56 11.67
CA LYS A 204 5.61 -13.93 11.90
C LYS A 204 4.59 -13.94 13.03
N LYS A 205 3.72 -14.95 13.05
CA LYS A 205 2.68 -15.09 14.05
C LYS A 205 3.16 -15.04 15.50
N GLU A 206 4.43 -15.36 15.72
CA GLU A 206 5.01 -15.36 17.06
C GLU A 206 5.02 -13.95 17.67
N ASN A 207 5.11 -12.93 16.81
CA ASN A 207 5.12 -11.53 17.25
C ASN A 207 3.78 -11.06 17.82
N LEU A 208 2.74 -11.88 17.65
CA LEU A 208 1.40 -11.55 18.15
C LEU A 208 1.21 -11.99 19.60
N TYR A 209 2.18 -12.76 20.11
CA TYR A 209 2.13 -13.27 21.48
C TYR A 209 3.17 -12.63 22.41
N PHE A 210 2.84 -12.38 23.58
FE FE2 B . 2.26 -4.23 -4.32
C1 SIN C . 1.55 -1.07 -4.21
O1 SIN C . 1.31 -2.07 -4.85
O2 SIN C . 2.69 -0.98 -3.49
C2 SIN C . 0.64 0.14 -4.30
C3 SIN C . -0.47 -0.05 -5.34
C4 SIN C . -1.28 1.21 -5.44
O3 SIN C . -0.75 2.29 -5.32
O4 SIN C . -2.62 1.16 -5.52
#